data_5MRO
#
_entry.id   5MRO
#
_cell.length_a   74.800
_cell.length_b   74.800
_cell.length_c   221.990
_cell.angle_alpha   90.00
_cell.angle_beta   90.00
_cell.angle_gamma   120.00
#
_symmetry.space_group_name_H-M   'H 3 2'
#
loop_
_entity.id
_entity.type
_entity.pdbx_description
1 polymer '2-C-methyl-D-erythritol 4-phosphate cytidylyltransferase, chloroplastic'
2 non-polymer Azolopyrimidine
3 non-polymer 2-AMINO-2-HYDROXYMETHYL-PROPANE-1,3-DIOL
4 non-polymer 'ACETATE ION'
5 non-polymer 'POTASSIUM ION'
6 non-polymer 'CADMIUM ION'
7 water water
#
_entity_poly.entity_id   1
_entity_poly.type   'polypeptide(L)'
_entity_poly.pdbx_seq_one_letter_code
;MEKSVSVILLAGGQGKRMKMSMPKQYIPLLGQPIALYSFFTFSRMPEVKEIVVVCDPFFRDIFEEYEESIDVDLSFAIPG
KERQDSVYSGLQEIDVNSELVCIHDSARPLVNTEDVEKVLKDGSAVGAAVLGVPAKATIKEVNSDSLVVKTLDRKTLWEM
QTPQVIKPELLKKGFELVKSEGLAVTDDVSIVEYLKHPVYVSQGSYTNIKVTTPDDLLLAERILSEDS
;
_entity_poly.pdbx_strand_id   A
#
# COMPACT_ATOMS: atom_id res chain seq x y z
N GLU A 2 -9.13 11.78 14.25
CA GLU A 2 -8.87 10.48 14.96
C GLU A 2 -9.85 9.39 14.55
N LYS A 3 -9.34 8.17 14.42
CA LYS A 3 -10.12 6.99 14.01
C LYS A 3 -10.98 7.21 12.76
N SER A 4 -10.40 7.89 11.77
CA SER A 4 -11.04 8.15 10.48
C SER A 4 -10.54 7.21 9.36
N VAL A 5 -9.43 6.51 9.61
CA VAL A 5 -8.74 5.74 8.58
C VAL A 5 -8.92 4.24 8.78
N SER A 6 -9.27 3.55 7.70
CA SER A 6 -9.22 2.08 7.64
C SER A 6 -8.00 1.64 6.85
N VAL A 7 -7.15 0.84 7.49
CA VAL A 7 -5.99 0.27 6.82
C VAL A 7 -6.37 -1.07 6.21
N ILE A 8 -5.98 -1.28 4.95
CA ILE A 8 -6.01 -2.58 4.32
C ILE A 8 -4.57 -3.04 4.19
N LEU A 9 -4.19 -4.05 4.96
CA LEU A 9 -2.83 -4.56 4.95
C LEU A 9 -2.77 -5.79 4.06
N LEU A 10 -2.07 -5.66 2.94
CA LEU A 10 -1.96 -6.74 1.97
C LEU A 10 -0.86 -7.71 2.37
N ALA A 11 -1.26 -8.94 2.72
CA ALA A 11 -0.31 -9.97 3.14
C ALA A 11 -0.69 -11.36 2.59
N GLY A 12 -1.07 -11.40 1.32
CA GLY A 12 -1.49 -12.64 0.65
C GLY A 12 -0.56 -13.02 -0.49
N MET A 22 5.81 -20.36 2.08
CA MET A 22 7.03 -19.86 2.71
C MET A 22 7.14 -18.33 2.58
N PRO A 23 6.00 -17.61 2.60
CA PRO A 23 5.94 -16.28 1.99
C PRO A 23 6.84 -15.22 2.63
N LYS A 24 7.27 -14.28 1.80
CA LYS A 24 8.34 -13.34 2.13
C LYS A 24 7.95 -12.42 3.28
N GLN A 25 6.67 -12.03 3.31
CA GLN A 25 6.14 -11.12 4.34
C GLN A 25 6.01 -11.70 5.76
N TYR A 26 6.17 -13.02 5.91
CA TYR A 26 6.16 -13.67 7.22
C TYR A 26 7.53 -14.11 7.73
N ILE A 27 8.58 -13.90 6.94
CA ILE A 27 9.95 -14.17 7.37
C ILE A 27 10.31 -13.11 8.44
N PRO A 28 10.88 -13.55 9.59
CA PRO A 28 11.30 -12.59 10.61
C PRO A 28 12.41 -11.62 10.23
N LEU A 29 12.30 -10.39 10.73
CA LEU A 29 13.40 -9.43 10.83
C LEU A 29 13.58 -9.17 12.32
N LEU A 30 14.78 -9.41 12.84
CA LEU A 30 15.05 -9.29 14.29
C LEU A 30 13.97 -9.96 15.16
N GLY A 31 13.56 -11.16 14.74
CA GLY A 31 12.59 -11.98 15.48
C GLY A 31 11.11 -11.74 15.27
N GLN A 32 10.75 -10.70 14.51
CA GLN A 32 9.37 -10.35 14.25
C GLN A 32 9.09 -10.56 12.76
N PRO A 33 8.03 -11.32 12.41
CA PRO A 33 7.60 -11.45 11.01
C PRO A 33 7.45 -10.08 10.33
N ILE A 34 7.99 -9.95 9.12
CA ILE A 34 7.99 -8.68 8.37
C ILE A 34 6.64 -7.95 8.41
N ALA A 35 5.55 -8.70 8.19
CA ALA A 35 4.19 -8.14 8.15
C ALA A 35 3.77 -7.41 9.44
N LEU A 36 4.30 -7.83 10.59
CA LEU A 36 3.95 -7.20 11.88
C LEU A 36 4.54 -5.79 12.07
N TYR A 37 5.64 -5.47 11.38
CA TYR A 37 6.26 -4.14 11.51
C TYR A 37 5.30 -3.01 11.09
N SER A 38 4.81 -3.07 9.86
CA SER A 38 3.85 -2.07 9.38
C SER A 38 2.52 -2.16 10.16
N PHE A 39 2.09 -3.39 10.46
CA PHE A 39 0.90 -3.63 11.30
C PHE A 39 0.92 -2.81 12.59
N PHE A 40 2.05 -2.87 13.31
CA PHE A 40 2.18 -2.13 14.57
C PHE A 40 2.34 -0.62 14.37
N THR A 41 3.04 -0.22 13.31
CA THR A 41 3.16 1.20 12.95
C THR A 41 1.78 1.83 12.76
N PHE A 42 0.91 1.16 12.02
CA PHE A 42 -0.46 1.64 11.82
C PHE A 42 -1.28 1.62 13.11
N SER A 43 -1.14 0.55 13.88
CA SER A 43 -1.95 0.37 15.10
C SER A 43 -1.75 1.48 16.14
N ARG A 44 -0.52 1.98 16.25
CA ARG A 44 -0.20 3.07 17.18
C ARG A 44 -0.73 4.46 16.79
N MET A 45 -1.08 4.65 15.52
CA MET A 45 -1.54 5.94 15.02
C MET A 45 -2.99 6.20 15.42
N PRO A 46 -3.26 7.29 16.17
CA PRO A 46 -4.65 7.59 16.57
C PRO A 46 -5.63 7.74 15.41
N GLU A 47 -5.15 8.20 14.26
CA GLU A 47 -5.96 8.31 13.03
C GLU A 47 -6.55 6.98 12.57
N VAL A 48 -5.84 5.88 12.85
CA VAL A 48 -6.23 4.56 12.41
C VAL A 48 -7.26 3.96 13.37
N LYS A 49 -8.44 3.67 12.84
CA LYS A 49 -9.54 3.03 13.59
C LYS A 49 -9.40 1.52 13.55
N GLU A 50 -9.09 0.99 12.37
CA GLU A 50 -9.08 -0.44 12.13
C GLU A 50 -8.03 -0.84 11.11
N ILE A 51 -7.62 -2.11 11.18
CA ILE A 51 -6.77 -2.73 10.19
C ILE A 51 -7.48 -3.98 9.68
N VAL A 52 -7.73 -4.02 8.37
CA VAL A 52 -8.23 -5.22 7.70
C VAL A 52 -7.03 -5.92 7.10
N VAL A 53 -6.65 -7.07 7.66
CA VAL A 53 -5.53 -7.84 7.14
C VAL A 53 -6.03 -8.79 6.07
N VAL A 54 -5.45 -8.70 4.88
CA VAL A 54 -5.77 -9.61 3.80
C VAL A 54 -4.68 -10.68 3.78
N CYS A 55 -5.02 -11.88 4.24
CA CYS A 55 -4.05 -12.96 4.33
C CYS A 55 -4.72 -14.33 4.26
N ASP A 56 -3.94 -15.32 3.84
CA ASP A 56 -4.37 -16.72 3.90
C ASP A 56 -4.76 -17.03 5.34
N PRO A 57 -5.95 -17.65 5.56
CA PRO A 57 -6.38 -17.99 6.93
C PRO A 57 -5.35 -18.73 7.80
N PHE A 58 -4.44 -19.48 7.16
CA PHE A 58 -3.29 -20.12 7.83
C PHE A 58 -2.47 -19.15 8.70
N PHE A 59 -2.22 -17.94 8.19
CA PHE A 59 -1.38 -16.95 8.87
C PHE A 59 -2.13 -15.94 9.77
N ARG A 60 -3.44 -16.12 9.96
CA ARG A 60 -4.26 -15.22 10.78
C ARG A 60 -3.78 -15.06 12.23
N ASP A 61 -3.30 -16.16 12.82
CA ASP A 61 -2.80 -16.17 14.20
C ASP A 61 -1.65 -15.20 14.45
N ILE A 62 -0.81 -14.98 13.43
CA ILE A 62 0.31 -14.03 13.52
C ILE A 62 -0.18 -12.64 13.96
N PHE A 63 -1.31 -12.21 13.41
CA PHE A 63 -1.91 -10.92 13.73
C PHE A 63 -2.88 -11.01 14.92
N GLU A 64 -3.66 -12.09 14.96
CA GLU A 64 -4.66 -12.30 16.03
C GLU A 64 -4.09 -12.29 17.45
N GLU A 65 -2.86 -12.77 17.59
CA GLU A 65 -2.14 -12.78 18.87
C GLU A 65 -2.14 -11.43 19.61
N TYR A 66 -2.12 -10.32 18.85
CA TYR A 66 -1.99 -8.97 19.41
C TYR A 66 -3.26 -8.11 19.45
N GLU A 67 -4.42 -8.71 19.17
CA GLU A 67 -5.68 -7.96 19.05
C GLU A 67 -6.08 -7.10 20.26
N GLU A 68 -6.01 -7.64 21.47
CA GLU A 68 -6.36 -6.87 22.68
C GLU A 68 -5.27 -5.89 23.10
N SER A 69 -4.03 -6.12 22.66
CA SER A 69 -2.91 -5.23 22.97
C SER A 69 -2.94 -3.92 22.15
N ILE A 70 -3.32 -4.04 20.87
CA ILE A 70 -3.35 -2.89 19.96
C ILE A 70 -4.63 -2.04 20.12
N ASP A 71 -4.53 -0.74 19.84
CA ASP A 71 -5.67 0.18 19.93
C ASP A 71 -6.31 0.45 18.56
N VAL A 72 -6.61 -0.63 17.83
CA VAL A 72 -7.39 -0.60 16.61
C VAL A 72 -8.28 -1.84 16.56
N ASP A 73 -9.38 -1.78 15.81
CA ASP A 73 -10.17 -2.97 15.52
C ASP A 73 -9.41 -3.81 14.50
N LEU A 74 -9.47 -5.13 14.65
CA LEU A 74 -8.83 -6.04 13.72
C LEU A 74 -9.88 -6.82 12.96
N SER A 75 -9.75 -6.84 11.63
CA SER A 75 -10.58 -7.66 10.77
C SER A 75 -9.73 -8.37 9.74
N PHE A 76 -10.32 -9.37 9.10
CA PHE A 76 -9.64 -10.15 8.08
C PHE A 76 -10.46 -10.21 6.83
N ALA A 77 -9.78 -10.45 5.71
CA ALA A 77 -10.42 -10.68 4.42
C ALA A 77 -9.59 -11.70 3.66
N ILE A 78 -10.25 -12.45 2.79
CA ILE A 78 -9.59 -13.51 2.02
C ILE A 78 -8.88 -12.87 0.83
N PRO A 79 -7.63 -13.31 0.52
CA PRO A 79 -6.96 -12.76 -0.67
C PRO A 79 -7.60 -13.20 -1.99
N GLY A 80 -7.34 -12.43 -3.03
CA GLY A 80 -7.78 -12.76 -4.39
C GLY A 80 -6.62 -13.19 -5.27
N LYS A 81 -6.91 -13.35 -6.56
CA LYS A 81 -5.96 -13.88 -7.53
C LYS A 81 -4.80 -12.91 -7.79
N GLU A 82 -5.14 -11.65 -8.07
CA GLU A 82 -4.15 -10.59 -8.28
C GLU A 82 -4.24 -9.58 -7.15
N ARG A 83 -3.24 -8.68 -7.07
CA ARG A 83 -3.16 -7.69 -5.99
C ARG A 83 -4.42 -6.84 -5.87
N GLN A 84 -4.96 -6.37 -7.00
CA GLN A 84 -6.20 -5.56 -6.98
C GLN A 84 -7.43 -6.33 -6.46
N ASP A 85 -7.46 -7.64 -6.66
CA ASP A 85 -8.54 -8.47 -6.10
C ASP A 85 -8.44 -8.56 -4.57
N SER A 86 -7.22 -8.61 -4.05
CA SER A 86 -6.98 -8.58 -2.61
C SER A 86 -7.39 -7.22 -2.02
N VAL A 87 -7.07 -6.14 -2.74
CA VAL A 87 -7.50 -4.79 -2.35
C VAL A 87 -9.03 -4.74 -2.25
N TYR A 88 -9.70 -5.24 -3.30
CA TYR A 88 -11.18 -5.27 -3.33
C TYR A 88 -11.78 -6.08 -2.19
N SER A 89 -11.17 -7.22 -1.86
CA SER A 89 -11.66 -8.08 -0.76
C SER A 89 -11.58 -7.35 0.58
N GLY A 90 -10.44 -6.75 0.85
CA GLY A 90 -10.23 -5.91 2.03
C GLY A 90 -11.20 -4.74 2.12
N LEU A 91 -11.42 -4.08 0.99
CA LEU A 91 -12.38 -2.97 0.89
C LEU A 91 -13.79 -3.32 1.39
N GLN A 92 -14.24 -4.56 1.18
CA GLN A 92 -15.58 -4.98 1.64
C GLN A 92 -15.75 -5.04 3.16
N GLU A 93 -14.65 -5.04 3.92
CA GLU A 93 -14.69 -5.15 5.38
C GLU A 93 -14.53 -3.85 6.19
N ILE A 94 -14.30 -2.71 5.54
CA ILE A 94 -14.03 -1.46 6.27
C ILE A 94 -15.29 -0.85 6.93
N ASP A 95 -15.08 -0.07 7.98
CA ASP A 95 -16.18 0.63 8.70
C ASP A 95 -16.94 1.47 7.68
N VAL A 96 -18.27 1.40 7.76
CA VAL A 96 -19.15 2.07 6.77
C VAL A 96 -18.99 3.62 6.76
N ASN A 97 -18.51 4.18 7.89
CA ASN A 97 -18.23 5.62 8.03
C ASN A 97 -16.74 6.02 7.93
N SER A 98 -15.83 5.13 7.51
CA SER A 98 -14.41 5.50 7.37
C SER A 98 -14.28 6.51 6.23
N GLU A 99 -13.56 7.59 6.48
CA GLU A 99 -13.39 8.65 5.48
C GLU A 99 -12.23 8.37 4.52
N LEU A 100 -11.36 7.43 4.88
CA LEU A 100 -10.11 7.19 4.16
C LEU A 100 -9.71 5.71 4.26
N VAL A 101 -9.30 5.12 3.13
CA VAL A 101 -8.73 3.76 3.14
C VAL A 101 -7.22 3.86 2.83
N CYS A 102 -6.41 3.14 3.61
CA CYS A 102 -4.96 3.21 3.55
C CYS A 102 -4.45 1.81 3.20
N ILE A 103 -4.12 1.61 1.92
CA ILE A 103 -3.70 0.31 1.40
C ILE A 103 -2.17 0.20 1.50
N HIS A 104 -1.69 -0.85 2.16
CA HIS A 104 -0.25 -1.06 2.36
C HIS A 104 0.19 -2.47 2.03
N ASP A 105 1.29 -2.56 1.26
CA ASP A 105 1.98 -3.81 1.02
C ASP A 105 2.73 -4.21 2.29
N SER A 106 2.36 -5.33 2.90
CA SER A 106 3.04 -5.81 4.12
C SER A 106 4.52 -6.17 3.91
N ALA A 107 4.92 -6.39 2.66
CA ALA A 107 6.34 -6.52 2.31
C ALA A 107 7.15 -5.20 2.42
N ARG A 108 6.50 -4.10 2.80
CA ARG A 108 7.20 -2.85 3.14
C ARG A 108 7.12 -2.62 4.67
N PRO A 109 8.01 -3.28 5.45
CA PRO A 109 7.95 -3.15 6.91
C PRO A 109 8.48 -1.85 7.49
N LEU A 110 9.30 -1.12 6.73
CA LEU A 110 10.06 0.00 7.27
C LEU A 110 9.42 1.39 7.06
N VAL A 111 8.17 1.45 6.61
CA VAL A 111 7.48 2.74 6.41
C VAL A 111 7.46 3.53 7.74
N ASN A 112 7.87 4.80 7.67
CA ASN A 112 7.97 5.68 8.84
C ASN A 112 6.60 6.23 9.17
N THR A 113 6.28 6.34 10.46
CA THR A 113 5.01 6.94 10.88
C THR A 113 4.81 8.34 10.26
N GLU A 114 5.89 9.12 10.24
CA GLU A 114 5.88 10.48 9.70
C GLU A 114 5.45 10.51 8.23
N ASP A 115 5.93 9.54 7.46
CA ASP A 115 5.56 9.40 6.04
C ASP A 115 4.12 8.91 5.86
N VAL A 116 3.67 8.01 6.73
CA VAL A 116 2.25 7.61 6.73
C VAL A 116 1.38 8.83 7.00
N GLU A 117 1.75 9.63 8.01
CA GLU A 117 1.03 10.87 8.35
C GLU A 117 0.90 11.79 7.13
N LYS A 118 2.00 11.95 6.39
CA LYS A 118 2.01 12.81 5.21
C LYS A 118 1.04 12.33 4.13
N VAL A 119 1.13 11.06 3.76
CA VAL A 119 0.25 10.50 2.72
C VAL A 119 -1.21 10.43 3.16
N LEU A 120 -1.46 10.24 4.45
CA LEU A 120 -2.83 10.37 4.96
C LEU A 120 -3.37 11.78 4.77
N LYS A 121 -2.56 12.78 5.13
CA LYS A 121 -2.93 14.19 4.98
C LYS A 121 -3.25 14.51 3.52
N ASP A 122 -2.35 14.10 2.63
CA ASP A 122 -2.48 14.38 1.21
C ASP A 122 -3.66 13.61 0.59
N GLY A 123 -3.89 12.39 1.07
CA GLY A 123 -5.04 11.61 0.65
C GLY A 123 -6.35 12.29 1.03
N SER A 124 -6.41 12.79 2.26
CA SER A 124 -7.57 13.54 2.75
C SER A 124 -7.82 14.82 1.94
N ALA A 125 -6.75 15.55 1.65
CA ALA A 125 -6.84 16.82 0.94
C ALA A 125 -7.23 16.65 -0.54
N VAL A 126 -6.56 15.71 -1.20
CA VAL A 126 -6.69 15.52 -2.66
C VAL A 126 -7.75 14.47 -3.03
N GLY A 127 -7.97 13.48 -2.16
CA GLY A 127 -8.87 12.37 -2.43
C GLY A 127 -8.14 11.06 -2.71
N ALA A 128 -6.95 11.17 -3.33
CA ALA A 128 -6.11 10.02 -3.59
C ALA A 128 -4.64 10.46 -3.52
N ALA A 129 -3.84 9.70 -2.79
CA ALA A 129 -2.41 9.98 -2.66
C ALA A 129 -1.62 8.69 -2.46
N VAL A 130 -0.34 8.73 -2.85
CA VAL A 130 0.54 7.57 -2.74
C VAL A 130 1.94 8.07 -2.38
N LEU A 131 2.64 7.31 -1.53
CA LEU A 131 4.03 7.63 -1.22
C LEU A 131 4.90 7.31 -2.43
N GLY A 132 5.80 8.23 -2.75
CA GLY A 132 6.77 8.04 -3.83
C GLY A 132 8.10 8.68 -3.53
N VAL A 133 9.12 8.23 -4.25
CA VAL A 133 10.46 8.83 -4.20
C VAL A 133 10.96 9.04 -5.63
N PRO A 134 11.83 10.05 -5.86
CA PRO A 134 12.38 10.21 -7.21
C PRO A 134 13.17 8.98 -7.67
N ALA A 135 12.92 8.52 -8.89
CA ALA A 135 13.66 7.38 -9.44
C ALA A 135 15.11 7.80 -9.69
N LYS A 136 16.06 7.10 -9.08
CA LYS A 136 17.49 7.47 -9.18
C LYS A 136 18.11 7.04 -10.50
N ALA A 137 17.71 5.88 -11.02
CA ALA A 137 18.26 5.37 -12.28
C ALA A 137 17.78 6.17 -13.50
N THR A 138 18.50 6.04 -14.60
CA THR A 138 18.05 6.56 -15.90
C THR A 138 16.97 5.62 -16.40
N ILE A 139 15.73 6.11 -16.45
CA ILE A 139 14.58 5.34 -16.88
C ILE A 139 14.01 6.00 -18.14
N LYS A 140 13.69 5.20 -19.15
CA LYS A 140 13.20 5.73 -20.42
C LYS A 140 12.02 4.93 -20.94
N GLU A 141 11.13 5.61 -21.66
CA GLU A 141 10.08 4.94 -22.42
C GLU A 141 10.72 4.32 -23.66
N VAL A 142 10.30 3.09 -23.96
CA VAL A 142 10.81 2.33 -25.10
C VAL A 142 9.61 1.80 -25.90
N ASN A 143 9.65 2.01 -27.22
CA ASN A 143 8.54 1.62 -28.10
C ASN A 143 8.66 0.15 -28.54
N SER A 144 7.70 -0.30 -29.35
CA SER A 144 7.63 -1.70 -29.81
C SER A 144 8.79 -2.15 -30.69
N ASP A 145 9.50 -1.21 -31.31
CA ASP A 145 10.75 -1.51 -32.03
C ASP A 145 12.03 -1.36 -31.19
N SER A 146 11.88 -1.36 -29.85
CA SER A 146 12.99 -1.30 -28.89
C SER A 146 13.83 0.01 -28.96
N LEU A 147 13.21 1.09 -29.42
CA LEU A 147 13.87 2.38 -29.52
C LEU A 147 13.44 3.30 -28.39
N VAL A 148 14.38 4.11 -27.90
CA VAL A 148 14.06 5.10 -26.88
C VAL A 148 13.09 6.12 -27.47
N VAL A 149 11.97 6.35 -26.78
CA VAL A 149 11.01 7.38 -27.18
C VAL A 149 11.54 8.70 -26.60
N LYS A 150 12.06 9.56 -27.49
CA LYS A 150 12.76 10.77 -27.06
C LYS A 150 11.79 11.87 -26.66
N THR A 151 12.12 12.55 -25.57
CA THR A 151 11.31 13.64 -25.03
C THR A 151 12.22 14.73 -24.47
N LEU A 152 12.37 15.82 -25.22
CA LEU A 152 13.07 17.01 -24.74
C LEU A 152 12.16 17.82 -23.80
N ASP A 153 10.85 17.63 -23.92
CA ASP A 153 9.91 18.01 -22.86
C ASP A 153 10.22 17.17 -21.60
N ARG A 154 10.89 17.80 -20.64
CA ARG A 154 11.48 17.09 -19.50
C ARG A 154 10.40 16.58 -18.54
N LYS A 155 10.60 15.35 -18.06
CA LYS A 155 9.65 14.68 -17.16
C LYS A 155 10.40 13.97 -16.02
N THR A 156 10.08 14.34 -14.79
CA THR A 156 10.66 13.73 -13.60
C THR A 156 9.85 12.49 -13.24
N LEU A 157 10.51 11.34 -13.20
CA LEU A 157 9.85 10.07 -12.88
C LEU A 157 10.02 9.72 -11.41
N TRP A 158 8.97 9.15 -10.83
CA TRP A 158 8.94 8.81 -9.41
C TRP A 158 8.58 7.33 -9.26
N GLU A 159 9.26 6.65 -8.34
CA GLU A 159 8.96 5.27 -7.96
C GLU A 159 7.89 5.27 -6.86
N MET A 160 6.79 4.57 -7.12
CA MET A 160 5.68 4.48 -6.16
C MET A 160 5.96 3.45 -5.09
N GLN A 161 5.52 3.75 -3.88
CA GLN A 161 5.60 2.85 -2.73
C GLN A 161 4.17 2.69 -2.21
N THR A 162 4.03 2.20 -0.97
CA THR A 162 2.76 2.28 -0.24
C THR A 162 3.07 2.84 1.15
N PRO A 163 2.05 3.38 1.86
CA PRO A 163 0.62 3.41 1.53
C PRO A 163 0.15 4.09 0.25
N GLN A 164 -0.95 3.57 -0.29
CA GLN A 164 -1.81 4.25 -1.25
C GLN A 164 -3.07 4.60 -0.49
N VAL A 165 -3.38 5.90 -0.38
CA VAL A 165 -4.46 6.41 0.46
C VAL A 165 -5.54 6.99 -0.43
N ILE A 166 -6.78 6.57 -0.20
CA ILE A 166 -7.89 6.99 -1.06
C ILE A 166 -9.22 7.03 -0.30
N LYS A 167 -10.09 7.97 -0.70
CA LYS A 167 -11.44 8.03 -0.13
C LYS A 167 -12.22 6.80 -0.63
N PRO A 168 -12.91 6.08 0.27
CA PRO A 168 -13.54 4.80 -0.12
C PRO A 168 -14.46 4.88 -1.35
N GLU A 169 -15.28 5.93 -1.43
CA GLU A 169 -16.21 6.10 -2.56
C GLU A 169 -15.48 6.22 -3.90
N LEU A 170 -14.33 6.90 -3.90
CA LEU A 170 -13.51 7.05 -5.10
C LEU A 170 -12.93 5.71 -5.58
N LEU A 171 -12.38 4.94 -4.65
CA LEU A 171 -11.85 3.62 -4.97
C LEU A 171 -12.94 2.68 -5.51
N LYS A 172 -14.10 2.70 -4.86
CA LYS A 172 -15.27 1.91 -5.28
C LYS A 172 -15.71 2.26 -6.70
N LYS A 173 -15.81 3.56 -7.00
CA LYS A 173 -16.09 4.03 -8.36
C LYS A 173 -15.05 3.54 -9.37
N GLY A 174 -13.78 3.53 -8.95
CA GLY A 174 -12.68 3.01 -9.77
C GLY A 174 -12.84 1.53 -10.10
N PHE A 175 -13.16 0.72 -9.10
CA PHE A 175 -13.44 -0.70 -9.31
C PHE A 175 -14.67 -0.93 -10.20
N GLU A 176 -15.74 -0.16 -9.95
CA GLU A 176 -16.97 -0.21 -10.76
C GLU A 176 -16.73 0.11 -12.24
N LEU A 177 -15.89 1.11 -12.52
CA LEU A 177 -15.53 1.48 -13.89
C LEU A 177 -14.73 0.39 -14.60
N VAL A 178 -13.71 -0.13 -13.92
CA VAL A 178 -12.87 -1.21 -14.47
C VAL A 178 -13.69 -2.47 -14.76
N LYS A 179 -14.63 -2.80 -13.86
CA LYS A 179 -15.50 -3.97 -14.02
C LYS A 179 -16.48 -3.78 -15.19
N SER A 180 -17.22 -2.67 -15.17
CA SER A 180 -18.26 -2.41 -16.16
C SER A 180 -17.72 -2.34 -17.59
N GLU A 181 -16.58 -1.67 -17.76
CA GLU A 181 -15.95 -1.52 -19.08
C GLU A 181 -14.87 -2.56 -19.42
N GLY A 182 -14.46 -3.38 -18.43
CA GLY A 182 -13.51 -4.47 -18.65
C GLY A 182 -12.11 -4.00 -19.01
N LEU A 183 -11.58 -3.08 -18.19
CA LEU A 183 -10.31 -2.40 -18.49
C LEU A 183 -9.11 -3.15 -17.91
N ALA A 184 -7.95 -2.96 -18.55
CA ALA A 184 -6.72 -3.63 -18.17
C ALA A 184 -6.08 -2.98 -16.93
N VAL A 185 -5.79 -3.81 -15.92
CA VAL A 185 -5.04 -3.37 -14.74
C VAL A 185 -3.60 -3.87 -14.91
N THR A 186 -2.66 -2.93 -15.08
CA THR A 186 -1.27 -3.24 -15.45
C THR A 186 -0.21 -2.90 -14.39
N ASP A 187 -0.47 -1.90 -13.53
CA ASP A 187 0.41 -1.58 -12.41
C ASP A 187 -0.43 -1.16 -11.18
N ASP A 188 0.23 -0.74 -10.11
CA ASP A 188 -0.44 -0.49 -8.82
C ASP A 188 -1.26 0.80 -8.71
N VAL A 189 -1.30 1.62 -9.76
CA VAL A 189 -2.18 2.81 -9.78
C VAL A 189 -3.06 2.90 -11.06
N SER A 190 -3.24 1.77 -11.74
CA SER A 190 -3.99 1.73 -13.02
C SER A 190 -5.49 2.04 -12.92
N ILE A 191 -6.09 1.76 -11.76
CA ILE A 191 -7.54 1.81 -11.58
C ILE A 191 -7.93 3.28 -11.44
N VAL A 192 -7.21 4.00 -10.58
CA VAL A 192 -7.37 5.46 -10.46
C VAL A 192 -6.95 6.21 -11.72
N GLU A 193 -5.98 5.68 -12.47
CA GLU A 193 -5.56 6.31 -13.73
C GLU A 193 -6.69 6.44 -14.76
N TYR A 194 -7.66 5.53 -14.73
CA TYR A 194 -8.86 5.61 -15.58
C TYR A 194 -9.84 6.71 -15.16
N LEU A 195 -9.81 7.11 -13.89
CA LEU A 195 -10.63 8.21 -13.38
C LEU A 195 -10.03 9.58 -13.70
N LYS A 196 -10.87 10.60 -13.68
CA LYS A 196 -10.44 11.99 -13.86
C LYS A 196 -9.95 12.64 -12.56
N HIS A 197 -10.14 11.96 -11.42
CA HIS A 197 -9.74 12.50 -10.12
C HIS A 197 -8.21 12.49 -9.97
N PRO A 198 -7.61 13.59 -9.47
CA PRO A 198 -6.14 13.62 -9.36
C PRO A 198 -5.56 12.69 -8.30
N VAL A 199 -4.31 12.27 -8.52
CA VAL A 199 -3.57 11.42 -7.60
C VAL A 199 -2.29 12.18 -7.21
N TYR A 200 -2.17 12.47 -5.92
CA TYR A 200 -1.04 13.21 -5.39
C TYR A 200 0.08 12.24 -5.03
N VAL A 201 1.32 12.65 -5.30
CA VAL A 201 2.49 11.85 -4.90
C VAL A 201 3.13 12.54 -3.70
N SER A 202 3.00 11.90 -2.54
CA SER A 202 3.58 12.39 -1.30
C SER A 202 5.01 11.91 -1.24
N GLN A 203 5.97 12.81 -1.02
CA GLN A 203 7.38 12.42 -1.04
C GLN A 203 7.74 11.61 0.20
N GLY A 204 8.16 10.37 -0.02
CA GLY A 204 8.52 9.44 1.03
C GLY A 204 10.02 9.33 1.22
N SER A 205 10.44 8.17 1.74
CA SER A 205 11.83 7.90 2.09
C SER A 205 12.34 6.69 1.32
N TYR A 206 13.59 6.76 0.88
CA TYR A 206 14.24 5.64 0.20
C TYR A 206 14.38 4.38 1.07
N THR A 207 14.32 4.53 2.40
CA THR A 207 14.29 3.39 3.32
C THR A 207 13.03 2.52 3.25
N ASN A 208 11.94 3.01 2.66
CA ASN A 208 10.68 2.26 2.60
C ASN A 208 10.71 1.21 1.48
N ILE A 209 11.63 0.27 1.60
CA ILE A 209 11.88 -0.74 0.57
C ILE A 209 10.87 -1.89 0.64
N LYS A 210 10.66 -2.53 -0.50
CA LYS A 210 9.84 -3.74 -0.59
C LYS A 210 10.76 -4.96 -0.46
N VAL A 211 10.38 -5.90 0.41
CA VAL A 211 11.14 -7.14 0.61
C VAL A 211 10.70 -8.20 -0.40
N THR A 212 11.45 -8.31 -1.50
CA THR A 212 11.22 -9.29 -2.56
C THR A 212 12.09 -10.54 -2.39
N THR A 213 13.32 -10.38 -1.93
CA THR A 213 14.31 -11.46 -1.86
C THR A 213 15.12 -11.39 -0.55
N PRO A 214 15.90 -12.46 -0.24
CA PRO A 214 16.83 -12.43 0.90
C PRO A 214 17.85 -11.29 0.96
N ASP A 215 18.19 -10.69 -0.19
CA ASP A 215 19.03 -9.46 -0.19
C ASP A 215 18.31 -8.22 0.33
N ASP A 216 17.00 -8.12 0.09
CA ASP A 216 16.18 -7.06 0.69
C ASP A 216 15.98 -7.36 2.17
N LEU A 217 15.62 -8.61 2.45
CA LEU A 217 15.53 -9.18 3.80
C LEU A 217 16.73 -8.78 4.67
N LEU A 218 17.91 -8.80 4.07
CA LEU A 218 19.13 -8.37 4.73
C LEU A 218 19.21 -6.85 4.90
N LEU A 219 18.93 -6.14 3.80
CA LEU A 219 18.98 -4.67 3.79
C LEU A 219 17.99 -4.04 4.76
N ALA A 220 16.78 -4.60 4.80
CA ALA A 220 15.74 -4.19 5.76
C ALA A 220 16.25 -4.21 7.19
N GLU A 221 16.99 -5.27 7.49
CA GLU A 221 17.54 -5.47 8.82
C GLU A 221 18.64 -4.49 9.19
N ARG A 222 19.45 -4.08 8.21
CA ARG A 222 20.47 -3.05 8.43
C ARG A 222 19.84 -1.72 8.81
N ILE A 223 18.83 -1.32 8.03
CA ILE A 223 18.12 -0.05 8.23
C ILE A 223 17.52 0.02 9.64
N LEU A 224 16.98 -1.11 10.10
CA LEU A 224 16.47 -1.26 11.47
C LEU A 224 17.52 -1.03 12.57
N SER A 225 18.79 -1.28 12.26
CA SER A 225 19.89 -1.05 13.21
C SER A 225 20.16 0.45 13.37
#